data_6IGI
#
_entry.id   6IGI
#
_cell.length_a   48.482
_cell.length_b   51.537
_cell.length_c   56.908
_cell.angle_alpha   90.000
_cell.angle_beta   90.000
_cell.angle_gamma   90.000
#
_symmetry.space_group_name_H-M   'P 21 21 21'
#
loop_
_entity.id
_entity.type
_entity.pdbx_description
1 polymer 'Protein FLOWERING LOCUS T'
2 non-polymer 1,2-ETHANEDIOL
3 water water
#
_entity_poly.entity_id   1
_entity_poly.type   'polypeptide(L)'
_entity_poly.pdbx_seq_one_letter_code
;ISHMSINIRDPLIVSRVVGDVLDPFNRSITLKVTYGQREVTNGLDLRPSQVQNKPRVEIGGEDLRNFYTLVMVDPDVPSP
SNPHLREYLHWLVTDIPATTGTTFGNEIVSYENPSPTAGIHRVVFILFRQLGRQTVYAPGWRQNFNTREFAEIYNLGLPV
AAVFYNSQRES
;
_entity_poly.pdbx_strand_id   A
#
loop_
_chem_comp.id
_chem_comp.type
_chem_comp.name
_chem_comp.formula
EDO non-polymer 1,2-ETHANEDIOL 'C2 H6 O2'
#
# COMPACT_ATOMS: atom_id res chain seq x y z
N ASP A 10 10.71 -15.47 -3.52
CA ASP A 10 10.48 -14.00 -3.49
C ASP A 10 9.44 -13.74 -2.41
N PRO A 11 9.73 -12.87 -1.43
CA PRO A 11 8.79 -12.66 -0.33
C PRO A 11 7.38 -12.33 -0.77
N LEU A 12 7.23 -11.58 -1.88
CA LEU A 12 5.89 -11.22 -2.32
C LEU A 12 5.11 -12.42 -2.83
N ILE A 13 5.82 -13.42 -3.38
CA ILE A 13 5.18 -14.62 -3.87
C ILE A 13 4.94 -15.60 -2.74
N VAL A 14 5.95 -15.78 -1.88
CA VAL A 14 5.83 -16.73 -0.79
C VAL A 14 4.72 -16.32 0.16
N SER A 15 4.57 -15.02 0.39
CA SER A 15 3.52 -14.53 1.27
C SER A 15 2.15 -14.45 0.61
N ARG A 16 2.08 -14.69 -0.70
CA ARG A 16 0.84 -14.62 -1.48
C ARG A 16 0.29 -13.20 -1.61
N VAL A 17 1.10 -12.17 -1.34
CA VAL A 17 0.70 -10.82 -1.71
C VAL A 17 0.50 -10.75 -3.21
N VAL A 18 1.47 -11.23 -3.96
CA VAL A 18 1.27 -11.55 -5.37
C VAL A 18 0.52 -12.87 -5.38
N GLY A 19 -0.68 -12.83 -5.92
CA GLY A 19 -1.67 -13.87 -5.71
C GLY A 19 -2.95 -13.25 -5.13
N ASP A 20 -2.96 -13.03 -3.81
CA ASP A 20 -4.17 -12.54 -3.16
C ASP A 20 -4.51 -11.12 -3.56
N VAL A 21 -3.50 -10.26 -3.70
CA VAL A 21 -3.71 -8.83 -3.92
C VAL A 21 -3.28 -8.39 -5.30
N LEU A 22 -2.16 -8.89 -5.78
CA LEU A 22 -1.57 -8.34 -6.99
C LEU A 22 -1.27 -9.43 -7.99
N ASP A 23 -1.27 -9.04 -9.26
CA ASP A 23 -0.69 -9.88 -10.28
C ASP A 23 0.84 -9.75 -10.28
N PRO A 24 1.55 -10.73 -10.84
CA PRO A 24 3.01 -10.57 -10.98
C PRO A 24 3.36 -9.31 -11.73
N PHE A 25 4.46 -8.69 -11.30
CA PHE A 25 4.91 -7.45 -11.90
C PHE A 25 6.42 -7.38 -11.78
N ASN A 26 7.00 -6.43 -12.49
CA ASN A 26 8.44 -6.19 -12.44
C ASN A 26 8.72 -5.01 -11.52
N ARG A 27 9.51 -5.24 -10.49
CA ARG A 27 9.87 -4.13 -9.63
C ARG A 27 10.67 -3.13 -10.46
N SER A 28 10.24 -1.87 -10.48
CA SER A 28 10.99 -0.89 -11.27
C SER A 28 11.19 0.44 -10.60
N ILE A 29 10.47 0.77 -9.54
CA ILE A 29 10.54 2.09 -8.93
C ILE A 29 10.76 1.93 -7.44
N THR A 30 11.58 2.80 -6.87
CA THR A 30 11.89 2.76 -5.46
C THR A 30 10.68 3.17 -4.62
N LEU A 31 10.44 2.40 -3.56
CA LEU A 31 9.36 2.62 -2.59
C LEU A 31 9.97 2.36 -1.22
N LYS A 32 10.12 3.40 -0.41
CA LYS A 32 10.68 3.23 0.92
C LYS A 32 9.69 3.77 1.94
N VAL A 33 9.26 2.89 2.84
CA VAL A 33 8.23 3.16 3.84
C VAL A 33 8.91 3.01 5.19
N THR A 34 8.86 4.06 6.01
CA THR A 34 9.59 4.07 7.27
C THR A 34 8.70 4.52 8.42
N TYR A 35 8.62 3.69 9.48
CA TYR A 35 7.91 4.04 10.71
C TYR A 35 8.96 4.30 11.77
N GLY A 36 9.02 5.51 12.27
CA GLY A 36 10.08 5.84 13.22
C GLY A 36 11.42 5.71 12.57
N GLN A 37 12.29 4.90 13.15
CA GLN A 37 13.58 4.60 12.56
C GLN A 37 13.63 3.24 11.90
N ARG A 38 12.47 2.62 11.64
CA ARG A 38 12.40 1.30 11.07
C ARG A 38 11.87 1.36 9.64
N GLU A 39 12.73 1.05 8.69
CA GLU A 39 12.31 0.89 7.30
C GLU A 39 11.62 -0.47 7.08
N VAL A 40 10.47 -0.45 6.44
CA VAL A 40 9.74 -1.67 6.12
C VAL A 40 10.48 -2.42 5.02
N THR A 41 10.72 -3.70 5.23
CA THR A 41 11.17 -4.61 4.20
C THR A 41 10.24 -5.80 4.27
N ASN A 42 10.08 -6.49 3.14
CA ASN A 42 9.05 -7.51 3.03
C ASN A 42 9.14 -8.54 4.14
N GLY A 43 8.04 -8.73 4.84
CA GLY A 43 7.95 -9.74 5.83
C GLY A 43 8.43 -9.36 7.22
N LEU A 44 9.00 -8.17 7.43
CA LEU A 44 9.42 -7.79 8.76
C LEU A 44 8.15 -7.65 9.59
N ASP A 45 8.28 -7.94 10.87
CA ASP A 45 7.20 -7.76 11.82
C ASP A 45 7.29 -6.37 12.43
N LEU A 46 6.15 -5.69 12.45
N LEU A 46 6.18 -5.64 12.43
CA LEU A 46 5.98 -4.43 13.17
CA LEU A 46 6.10 -4.39 13.16
C LEU A 46 4.90 -4.60 14.21
C LEU A 46 4.90 -4.47 14.09
N ARG A 47 5.08 -3.98 15.32
CA ARG A 47 4.02 -4.01 16.31
C ARG A 47 2.97 -2.94 16.03
N PRO A 48 1.72 -3.19 16.39
CA PRO A 48 0.70 -2.12 16.24
C PRO A 48 1.12 -0.81 16.86
N SER A 49 1.86 -0.87 17.97
CA SER A 49 2.29 0.33 18.64
C SER A 49 3.32 1.14 17.87
N GLN A 50 3.90 0.58 16.81
CA GLN A 50 4.84 1.27 15.95
C GLN A 50 4.20 1.94 14.74
N VAL A 51 2.95 1.59 14.41
CA VAL A 51 2.30 1.99 13.18
C VAL A 51 1.05 2.84 13.42
N GLN A 52 0.94 3.43 14.60
CA GLN A 52 -0.23 4.23 14.95
C GLN A 52 -0.39 5.46 14.07
N ASN A 53 0.70 6.02 13.58
CA ASN A 53 0.65 7.19 12.73
C ASN A 53 1.22 6.83 11.36
N LYS A 54 0.90 7.64 10.37
CA LYS A 54 1.35 7.36 9.02
C LYS A 54 2.88 7.28 8.97
N PRO A 55 3.41 6.37 8.16
CA PRO A 55 4.85 6.32 7.94
C PRO A 55 5.30 7.43 7.03
N ARG A 56 6.60 7.65 7.04
N ARG A 56 6.62 7.63 7.00
CA ARG A 56 7.25 8.37 5.96
CA ARG A 56 7.25 8.44 5.97
C ARG A 56 7.29 7.48 4.73
C ARG A 56 7.46 7.57 4.74
N VAL A 57 7.10 8.09 3.57
CA VAL A 57 7.16 7.36 2.32
C VAL A 57 7.93 8.18 1.31
N GLU A 58 9.01 7.61 0.80
CA GLU A 58 9.80 8.19 -0.27
C GLU A 58 9.68 7.29 -1.49
N ILE A 59 9.65 7.90 -2.66
CA ILE A 59 9.59 7.14 -3.89
C ILE A 59 10.70 7.57 -4.84
N GLY A 60 11.01 6.69 -5.79
CA GLY A 60 11.84 7.05 -6.93
C GLY A 60 10.99 7.51 -8.10
N GLY A 61 11.34 7.06 -9.29
CA GLY A 61 10.62 7.47 -10.49
C GLY A 61 11.45 7.26 -11.71
N GLU A 62 10.78 7.28 -12.87
N GLU A 62 10.79 7.25 -12.87
CA GLU A 62 11.45 7.14 -14.15
CA GLU A 62 11.47 7.13 -14.15
C GLU A 62 11.85 8.50 -14.70
C GLU A 62 11.85 8.50 -14.71
N ASP A 63 10.94 9.47 -14.61
CA ASP A 63 11.16 10.82 -15.09
C ASP A 63 10.53 11.76 -14.08
N LEU A 64 11.11 12.94 -13.88
CA LEU A 64 10.53 13.86 -12.92
C LEU A 64 9.09 14.26 -13.26
N ARG A 65 8.65 14.11 -14.51
CA ARG A 65 7.29 14.46 -14.88
C ARG A 65 6.28 13.38 -14.54
N ASN A 66 6.75 12.21 -14.12
N ASN A 66 6.74 12.24 -14.05
CA ASN A 66 5.83 11.13 -13.74
CA ASN A 66 5.82 11.18 -13.69
C ASN A 66 5.17 11.39 -12.39
C ASN A 66 5.12 11.47 -12.37
N PHE A 67 3.93 10.89 -12.23
CA PHE A 67 3.20 10.87 -10.98
C PHE A 67 2.82 9.45 -10.61
N TYR A 68 2.74 9.19 -9.30
CA TYR A 68 2.50 7.86 -8.77
C TYR A 68 1.38 7.90 -7.73
N THR A 69 0.71 6.74 -7.60
CA THR A 69 -0.31 6.52 -6.58
C THR A 69 0.15 5.42 -5.63
N LEU A 70 -0.07 5.68 -4.33
CA LEU A 70 0.22 4.73 -3.25
C LEU A 70 -1.09 4.24 -2.63
N VAL A 71 -1.23 2.92 -2.59
CA VAL A 71 -2.33 2.23 -1.94
C VAL A 71 -1.78 1.47 -0.74
N MET A 72 -2.49 1.50 0.39
CA MET A 72 -2.14 0.69 1.57
C MET A 72 -3.38 -0.10 1.97
N VAL A 73 -3.23 -1.42 2.01
CA VAL A 73 -4.34 -2.31 2.29
C VAL A 73 -3.93 -3.43 3.24
N ASP A 74 -4.92 -3.95 3.95
CA ASP A 74 -4.82 -5.19 4.71
C ASP A 74 -5.75 -6.18 4.05
N PRO A 75 -5.23 -7.24 3.41
CA PRO A 75 -6.08 -8.25 2.77
C PRO A 75 -6.59 -9.30 3.71
N ASP A 76 -6.22 -9.26 4.98
CA ASP A 76 -6.47 -10.36 5.89
C ASP A 76 -7.53 -10.01 6.92
N VAL A 77 -8.63 -9.41 6.47
CA VAL A 77 -9.64 -8.87 7.36
C VAL A 77 -10.95 -9.64 7.17
N PRO A 78 -11.62 -10.05 8.25
CA PRO A 78 -11.26 -9.85 9.65
C PRO A 78 -10.10 -10.76 10.06
N SER A 79 -9.90 -11.85 9.32
CA SER A 79 -8.86 -12.81 9.65
C SER A 79 -8.20 -13.34 8.37
N PRO A 80 -6.95 -13.77 8.46
CA PRO A 80 -6.35 -14.37 7.24
C PRO A 80 -7.05 -15.66 6.86
N SER A 81 -7.66 -16.35 7.82
CA SER A 81 -8.29 -17.62 7.50
C SER A 81 -9.69 -17.47 6.95
N ASN A 82 -10.33 -16.34 7.15
CA ASN A 82 -11.66 -16.07 6.61
C ASN A 82 -11.70 -14.59 6.27
N PRO A 83 -11.03 -14.21 5.21
CA PRO A 83 -10.85 -12.78 4.91
C PRO A 83 -12.01 -12.18 4.11
N HIS A 84 -13.23 -12.32 4.65
CA HIS A 84 -14.44 -11.97 3.90
C HIS A 84 -14.62 -10.47 3.71
N LEU A 85 -13.85 -9.63 4.40
CA LEU A 85 -13.87 -8.17 4.18
C LEU A 85 -12.70 -7.69 3.33
N ARG A 86 -11.92 -8.60 2.79
CA ARG A 86 -10.73 -8.20 2.02
C ARG A 86 -11.09 -7.28 0.85
N GLU A 87 -10.33 -6.21 0.59
CA GLU A 87 -9.19 -5.72 1.35
C GLU A 87 -9.70 -4.54 2.17
N TYR A 88 -9.06 -4.22 3.28
CA TYR A 88 -9.39 -3.02 4.03
C TYR A 88 -8.43 -1.91 3.60
N LEU A 89 -8.99 -0.78 3.12
CA LEU A 89 -8.19 0.34 2.65
C LEU A 89 -7.74 1.22 3.81
N HIS A 90 -6.45 1.20 4.10
CA HIS A 90 -5.86 1.98 5.17
C HIS A 90 -5.43 3.37 4.77
N TRP A 91 -5.04 3.61 3.51
CA TRP A 91 -4.49 4.91 3.11
C TRP A 91 -4.47 4.89 1.59
N LEU A 92 -4.69 6.09 0.99
CA LEU A 92 -4.63 6.24 -0.46
C LEU A 92 -4.13 7.65 -0.74
N VAL A 93 -3.04 7.75 -1.49
CA VAL A 93 -2.43 9.03 -1.86
C VAL A 93 -2.10 8.98 -3.33
N THR A 94 -2.51 10.02 -4.06
CA THR A 94 -2.38 10.06 -5.50
C THR A 94 -1.50 11.24 -5.90
N ASP A 95 -1.16 11.27 -7.18
CA ASP A 95 -0.47 12.44 -7.74
C ASP A 95 0.83 12.75 -7.01
N ILE A 96 1.56 11.71 -6.61
CA ILE A 96 2.86 11.87 -5.95
C ILE A 96 3.92 12.11 -7.01
N PRO A 97 4.57 13.27 -7.03
CA PRO A 97 5.60 13.51 -8.04
C PRO A 97 6.77 12.57 -7.88
N ALA A 98 7.31 12.14 -9.02
CA ALA A 98 8.49 11.29 -9.03
C ALA A 98 9.58 11.87 -8.14
N THR A 99 10.22 10.98 -7.37
CA THR A 99 11.36 11.25 -6.52
C THR A 99 11.01 11.99 -5.24
N THR A 100 9.71 12.14 -4.94
CA THR A 100 9.30 12.86 -3.73
C THR A 100 8.72 11.84 -2.75
N GLY A 101 7.45 11.98 -2.37
CA GLY A 101 6.86 11.15 -1.35
C GLY A 101 5.47 11.64 -1.02
N THR A 102 4.85 10.95 -0.05
CA THR A 102 3.42 11.16 0.10
C THR A 102 3.04 12.56 0.54
N THR A 103 3.95 13.28 1.22
CA THR A 103 3.55 14.63 1.63
C THR A 103 3.40 15.59 0.48
N PHE A 104 3.90 15.22 -0.71
CA PHE A 104 3.74 16.01 -1.92
C PHE A 104 2.57 15.58 -2.78
N GLY A 105 1.85 14.51 -2.41
CA GLY A 105 0.71 14.07 -3.19
C GLY A 105 -0.60 14.58 -2.61
N ASN A 106 -1.70 14.01 -3.13
CA ASN A 106 -3.06 14.33 -2.73
C ASN A 106 -3.58 13.15 -1.90
N GLU A 107 -3.91 13.39 -0.63
N GLU A 107 -3.86 13.43 -0.64
CA GLU A 107 -4.41 12.31 0.23
CA GLU A 107 -4.54 12.45 0.20
C GLU A 107 -5.93 12.12 0.02
C GLU A 107 -5.97 12.26 -0.31
N ILE A 108 -6.29 11.04 -0.72
CA ILE A 108 -7.68 10.71 -1.03
C ILE A 108 -8.39 10.07 0.14
N VAL A 109 -7.71 9.21 0.86
CA VAL A 109 -8.23 8.52 2.04
C VAL A 109 -7.16 8.64 3.13
N SER A 110 -7.53 9.23 4.25
CA SER A 110 -6.59 9.41 5.36
C SER A 110 -6.12 8.11 5.94
N TYR A 111 -4.95 8.18 6.55
CA TYR A 111 -4.30 7.02 7.13
C TYR A 111 -5.05 6.56 8.36
N GLU A 112 -5.38 5.26 8.40
CA GLU A 112 -5.91 4.61 9.59
C GLU A 112 -4.93 3.52 9.99
N ASN A 113 -4.57 3.49 11.27
CA ASN A 113 -3.56 2.52 11.71
C ASN A 113 -4.10 1.09 11.75
N PRO A 114 -3.38 0.14 11.19
CA PRO A 114 -3.75 -1.27 11.36
C PRO A 114 -3.55 -1.69 12.80
N SER A 115 -4.51 -2.43 13.33
CA SER A 115 -4.38 -2.98 14.68
C SER A 115 -5.06 -4.34 14.70
N PRO A 116 -4.42 -5.35 14.15
CA PRO A 116 -5.03 -6.68 14.08
C PRO A 116 -5.25 -7.30 15.45
N THR A 117 -6.34 -8.06 15.53
CA THR A 117 -6.63 -8.87 16.71
C THR A 117 -6.72 -10.36 16.42
N ALA A 118 -6.94 -10.78 15.17
CA ALA A 118 -7.07 -12.19 14.85
C ALA A 118 -6.05 -12.57 13.79
N GLY A 119 -5.07 -13.41 14.20
CA GLY A 119 -4.06 -13.90 13.28
C GLY A 119 -3.03 -12.84 12.92
N ILE A 120 -2.14 -13.27 12.03
CA ILE A 120 -1.11 -12.43 11.45
C ILE A 120 -1.71 -11.77 10.22
N HIS A 121 -1.64 -10.46 10.16
CA HIS A 121 -2.09 -9.77 8.97
C HIS A 121 -0.93 -9.21 8.18
N ARG A 122 -1.02 -9.35 6.86
CA ARG A 122 -0.15 -8.63 5.94
C ARG A 122 -0.66 -7.22 5.75
N VAL A 123 0.22 -6.25 5.82
CA VAL A 123 -0.09 -4.84 5.62
C VAL A 123 0.73 -4.42 4.41
N VAL A 124 0.07 -4.12 3.30
CA VAL A 124 0.70 -4.03 2.00
C VAL A 124 0.64 -2.60 1.47
N PHE A 125 1.78 -2.11 0.96
CA PHE A 125 1.90 -0.84 0.27
C PHE A 125 2.17 -1.11 -1.19
N ILE A 126 1.41 -0.50 -2.08
CA ILE A 126 1.56 -0.74 -3.51
C ILE A 126 1.68 0.62 -4.21
N LEU A 127 2.66 0.73 -5.10
CA LEU A 127 2.87 1.95 -5.88
C LEU A 127 2.57 1.67 -7.34
N PHE A 128 1.86 2.60 -7.96
CA PHE A 128 1.51 2.56 -9.36
C PHE A 128 1.94 3.83 -10.07
N ARG A 129 2.39 3.68 -11.32
CA ARG A 129 2.59 4.81 -12.21
C ARG A 129 1.25 5.21 -12.81
N GLN A 130 0.97 6.51 -12.80
CA GLN A 130 -0.22 7.09 -13.43
C GLN A 130 0.11 7.48 -14.86
N LEU A 131 -0.91 7.51 -15.73
CA LEU A 131 -0.68 8.06 -17.06
C LEU A 131 -0.48 9.57 -17.02
N GLY A 132 -0.92 10.21 -15.96
CA GLY A 132 -0.84 11.64 -15.77
C GLY A 132 -1.58 11.95 -14.50
N ARG A 133 -1.62 13.22 -14.12
CA ARG A 133 -2.48 13.56 -12.98
C ARG A 133 -3.92 13.22 -13.32
N GLN A 134 -4.69 12.81 -12.31
CA GLN A 134 -6.08 12.47 -12.55
C GLN A 134 -6.86 12.50 -11.25
N THR A 135 -8.18 12.59 -11.40
CA THR A 135 -9.12 12.64 -10.27
C THR A 135 -9.49 11.23 -9.82
N VAL A 136 -9.35 10.99 -8.53
CA VAL A 136 -9.62 9.68 -7.93
C VAL A 136 -10.60 9.91 -6.80
N TYR A 137 -11.57 9.02 -6.68
CA TYR A 137 -12.65 9.15 -5.71
C TYR A 137 -12.44 8.20 -4.53
N ALA A 138 -12.68 8.70 -3.33
CA ALA A 138 -12.60 7.84 -2.17
C ALA A 138 -13.79 6.89 -2.09
N PRO A 139 -13.59 5.65 -1.66
CA PRO A 139 -14.75 4.78 -1.42
C PRO A 139 -15.55 5.21 -0.20
N GLY A 140 -16.84 4.83 -0.21
CA GLY A 140 -17.69 5.12 0.90
C GLY A 140 -17.41 4.27 2.12
N TRP A 141 -16.79 3.11 1.94
CA TRP A 141 -16.40 2.22 3.02
C TRP A 141 -15.01 1.70 2.70
N ARG A 142 -14.20 1.50 3.76
CA ARG A 142 -12.86 1.00 3.56
C ARG A 142 -12.82 -0.53 3.36
N GLN A 143 -13.85 -1.25 3.79
CA GLN A 143 -13.90 -2.68 3.64
C GLN A 143 -14.16 -3.06 2.18
N ASN A 144 -13.75 -4.25 1.80
CA ASN A 144 -14.09 -4.82 0.49
C ASN A 144 -13.51 -3.99 -0.65
N PHE A 145 -12.39 -3.31 -0.38
CA PHE A 145 -11.63 -2.66 -1.42
C PHE A 145 -10.93 -3.72 -2.26
N ASN A 146 -10.72 -3.41 -3.54
CA ASN A 146 -10.04 -4.37 -4.41
C ASN A 146 -8.98 -3.61 -5.21
N THR A 147 -7.71 -3.82 -4.86
CA THR A 147 -6.63 -3.11 -5.53
C THR A 147 -6.60 -3.38 -7.03
N ARG A 148 -6.76 -4.63 -7.44
CA ARG A 148 -6.76 -4.92 -8.88
C ARG A 148 -7.85 -4.15 -9.61
N GLU A 149 -9.07 -4.12 -9.04
N GLU A 149 -9.05 -4.10 -9.04
CA GLU A 149 -10.15 -3.37 -9.68
CA GLU A 149 -10.14 -3.37 -9.68
C GLU A 149 -9.86 -1.88 -9.67
C GLU A 149 -9.88 -1.87 -9.66
N PHE A 150 -9.32 -1.35 -8.57
CA PHE A 150 -8.96 0.05 -8.51
C PHE A 150 -7.97 0.41 -9.62
N ALA A 151 -6.93 -0.41 -9.79
CA ALA A 151 -5.95 -0.16 -10.82
C ALA A 151 -6.59 -0.18 -12.21
N GLU A 152 -7.57 -1.05 -12.42
CA GLU A 152 -8.23 -1.10 -13.72
C GLU A 152 -9.05 0.16 -13.94
N ILE A 153 -9.81 0.58 -12.94
CA ILE A 153 -10.68 1.74 -13.07
C ILE A 153 -9.88 3.00 -13.41
N TYR A 154 -8.73 3.17 -12.75
CA TYR A 154 -7.93 4.39 -12.83
C TYR A 154 -6.73 4.24 -13.77
N ASN A 155 -6.71 3.19 -14.58
CA ASN A 155 -5.72 3.03 -15.64
C ASN A 155 -4.29 3.08 -15.08
N LEU A 156 -4.08 2.34 -14.00
CA LEU A 156 -2.80 2.35 -13.32
C LEU A 156 -1.90 1.20 -13.73
N GLY A 157 -2.40 0.25 -14.52
CA GLY A 157 -1.50 -0.82 -14.95
C GLY A 157 -1.11 -1.75 -13.81
N LEU A 158 -0.01 -2.46 -14.02
CA LEU A 158 0.57 -3.30 -12.98
C LEU A 158 1.38 -2.42 -12.02
N PRO A 159 1.55 -2.84 -10.77
CA PRO A 159 2.41 -2.09 -9.85
C PRO A 159 3.81 -1.90 -10.39
N VAL A 160 4.44 -0.82 -9.92
CA VAL A 160 5.87 -0.62 -10.08
C VAL A 160 6.66 -0.97 -8.83
N ALA A 161 6.00 -1.15 -7.69
CA ALA A 161 6.66 -1.51 -6.45
C ALA A 161 5.59 -1.96 -5.48
N ALA A 162 6.01 -2.81 -4.54
CA ALA A 162 5.14 -3.16 -3.42
C ALA A 162 6.01 -3.64 -2.28
N VAL A 163 5.58 -3.38 -1.06
CA VAL A 163 6.27 -3.88 0.13
C VAL A 163 5.20 -4.17 1.18
N PHE A 164 5.48 -5.12 2.08
CA PHE A 164 4.53 -5.44 3.13
C PHE A 164 5.26 -5.78 4.42
N TYR A 165 4.56 -5.55 5.53
CA TYR A 165 4.99 -6.06 6.81
C TYR A 165 3.92 -6.96 7.38
N ASN A 166 4.30 -7.74 8.39
CA ASN A 166 3.40 -8.59 9.15
C ASN A 166 3.09 -7.92 10.46
N SER A 167 1.86 -8.05 10.91
CA SER A 167 1.56 -7.49 12.23
C SER A 167 0.51 -8.34 12.91
N GLN A 168 0.61 -8.38 14.24
CA GLN A 168 -0.33 -9.17 15.02
C GLN A 168 -0.53 -8.46 16.35
N ARG A 169 -1.55 -8.88 17.08
CA ARG A 169 -1.87 -8.28 18.36
C ARG A 169 -0.69 -8.35 19.31
N GLU A 170 -0.50 -7.27 20.06
CA GLU A 170 0.65 -7.04 20.91
C GLU A 170 0.41 -7.62 22.29
N SER A 171 1.49 -7.75 23.04
CA SER A 171 1.50 -8.51 24.28
C SER A 171 2.09 -7.69 25.42
C1 EDO B . 11.69 -2.25 15.90
O1 EDO B . 11.34 -2.24 14.52
C2 EDO B . 12.47 -0.97 16.22
O2 EDO B . 13.83 -1.14 15.80
H11 EDO B . 10.80 -2.31 16.51
H12 EDO B . 12.31 -3.13 16.11
HO1 EDO B . 10.79 -3.01 14.32
H21 EDO B . 12.02 -0.13 15.71
H22 EDO B . 12.44 -0.79 17.29
HO2 EDO B . 14.35 -0.38 16.07
#